data_7SWW
#
_entry.id   7SWW
#
_cell.length_a   1.00
_cell.length_b   1.00
_cell.length_c   1.00
_cell.angle_alpha   90.00
_cell.angle_beta   90.00
_cell.angle_gamma   90.00
#
_symmetry.space_group_name_H-M   'P 1'
#
loop_
_entity.id
_entity.type
_entity.pdbx_description
1 polymer 'Spike protein S1'
2 polymer 'SARS2-57 Fv heavy chain'
3 polymer 'SARS2-57 Fv light chain'
4 branched 2-acetamido-2-deoxy-beta-D-glucopyranose-(1-4)-2-acetamido-2-deoxy-beta-D-glucopyranose
5 non-polymer 2-acetamido-2-deoxy-beta-D-glucopyranose
#
loop_
_entity_poly.entity_id
_entity_poly.type
_entity_poly.pdbx_seq_one_letter_code
_entity_poly.pdbx_strand_id
1 'polypeptide(L)'
;QCVNLTTRTQLPPAYTNSFTRGVYYPDKVFRSSVLHSTQDLFLPFFSNVTWFHAIHVSGTNGTKRFDNPVLPFNDGVYFA
STEKSNIIRGWIFGTTLDSKTQSLLIVNNATNVVIKVCEFQFCNDPFLGVYYHKNNKSWMESEFRVYSSANNCTFEYVSQ
PFLMDLEGKQGNFKNLREFVFKNIDGYFKIYSKHTPINLVRDLPQGFSALEPLVDLPIGINITRFQTLLALHRSYLTPGD
SSSGWTAGAAAYYVGYLQPRTFLLKYNENGTITDAVDCALDPLSETKCTLK
;
A
2 'polypeptide(L)'
;EVQLQQSGAELVRPGALVKLSCKASGFNIKDYFVHWVKQRPVQGLEWIGWIDPENGNTIYGPKFQGKASLAADTSSNTGY
LQLSSLTSEDTAVYYCARWDGYETLDYWGQGTSVTVS
;
H
3 'polypeptide(L)'
;DIVMSQSPSSLAVSVGEKVTMSCQSSQSLLYSNNEKNYLAWYQQKPGHSPKLLLYWASTRESGVPDRFTGSGSGTAFTLT
ISSVKAEDLAVYYCQQYYNYPYTFGGGTKLEI
;
L
#
# COMPACT_ATOMS: atom_id res chain seq x y z
N GLN A 1 -5.50 7.06 -10.13
CA GLN A 1 -5.81 7.98 -9.03
C GLN A 1 -4.76 7.83 -7.94
N CYS A 2 -4.06 8.93 -7.64
CA CYS A 2 -3.02 8.94 -6.62
C CYS A 2 -3.30 10.03 -5.60
N VAL A 3 -3.20 9.68 -4.32
CA VAL A 3 -3.45 10.59 -3.22
C VAL A 3 -2.09 10.85 -2.57
N ASN A 4 -1.76 12.12 -2.38
CA ASN A 4 -0.41 12.52 -2.04
C ASN A 4 0.08 11.83 -0.78
N LEU A 5 1.22 11.16 -0.87
CA LEU A 5 1.68 10.36 0.26
C LEU A 5 2.25 11.23 1.39
N THR A 6 3.00 12.26 1.04
CA THR A 6 3.71 13.05 2.05
C THR A 6 3.56 14.53 1.75
N THR A 7 3.40 15.33 2.80
CA THR A 7 3.33 16.78 2.66
C THR A 7 4.70 17.44 2.74
N ARG A 8 5.64 16.86 3.50
CA ARG A 8 6.98 17.42 3.61
C ARG A 8 7.68 17.43 2.26
N THR A 9 8.11 18.62 1.82
CA THR A 9 8.71 18.76 0.51
C THR A 9 10.06 18.06 0.43
N GLN A 10 10.99 18.44 1.30
CA GLN A 10 12.32 17.85 1.29
C GLN A 10 12.89 17.80 2.70
N LEU A 11 13.84 16.88 2.89
CA LEU A 11 14.71 16.77 4.04
C LEU A 11 16.16 16.93 3.60
N PRO A 12 17.03 17.47 4.46
CA PRO A 12 18.42 17.74 4.05
C PRO A 12 19.16 16.45 3.74
N PRO A 13 19.46 16.19 2.48
CA PRO A 13 20.11 14.92 2.12
C PRO A 13 21.56 14.88 2.57
N ALA A 14 21.99 13.70 3.02
CA ALA A 14 23.35 13.47 3.45
C ALA A 14 24.04 12.52 2.49
N TYR A 15 25.33 12.73 2.27
CA TYR A 15 26.05 12.03 1.23
C TYR A 15 27.13 11.13 1.82
N THR A 16 27.40 10.03 1.14
CA THR A 16 28.47 9.10 1.47
C THR A 16 29.49 9.06 0.34
N ASN A 17 30.58 8.34 0.58
CA ASN A 17 31.65 8.20 -0.40
C ASN A 17 31.44 6.95 -1.25
N SER A 18 31.49 7.10 -2.57
CA SER A 18 31.44 5.97 -3.48
C SER A 18 32.85 5.51 -3.79
N PHE A 19 33.41 4.72 -2.87
CA PHE A 19 34.76 4.20 -3.04
C PHE A 19 34.81 3.22 -4.20
N THR A 20 35.46 3.60 -5.29
CA THR A 20 35.79 2.72 -6.41
C THR A 20 34.59 1.93 -6.93
N ARG A 21 33.47 2.62 -7.12
CA ARG A 21 32.27 1.97 -7.62
C ARG A 21 31.95 2.45 -9.04
N GLY A 22 30.97 1.79 -9.64
CA GLY A 22 30.43 2.21 -10.92
C GLY A 22 31.35 2.11 -12.11
N VAL A 23 32.09 1.02 -12.23
CA VAL A 23 32.95 0.77 -13.38
C VAL A 23 32.24 -0.21 -14.31
N TYR A 24 32.11 0.15 -15.58
CA TYR A 24 31.39 -0.67 -16.55
C TYR A 24 32.30 -1.02 -17.72
N TYR A 25 32.01 -2.14 -18.36
CA TYR A 25 32.78 -2.59 -19.50
C TYR A 25 32.60 -1.62 -20.66
N PRO A 26 33.67 -1.01 -21.17
CA PRO A 26 33.47 -0.03 -22.25
C PRO A 26 33.11 -0.66 -23.59
N ASP A 27 33.73 -1.79 -23.94
CA ASP A 27 33.49 -2.45 -25.21
C ASP A 27 33.25 -3.94 -24.97
N LYS A 28 32.71 -4.60 -25.99
CA LYS A 28 32.46 -6.03 -25.93
C LYS A 28 33.57 -6.83 -26.62
N VAL A 29 34.79 -6.65 -26.14
CA VAL A 29 35.93 -7.44 -26.58
C VAL A 29 36.67 -7.95 -25.34
N PHE A 30 37.35 -9.07 -25.51
CA PHE A 30 37.97 -9.79 -24.39
C PHE A 30 39.46 -9.48 -24.33
N ARG A 31 39.94 -9.21 -23.12
CA ARG A 31 41.34 -8.87 -22.90
C ARG A 31 41.84 -9.56 -21.64
N SER A 32 43.04 -10.13 -21.72
CA SER A 32 43.63 -10.87 -20.61
C SER A 32 45.02 -10.34 -20.31
N SER A 33 45.29 -10.09 -19.02
CA SER A 33 46.57 -9.57 -18.56
C SER A 33 46.93 -8.26 -19.29
N VAL A 34 45.93 -7.39 -19.44
CA VAL A 34 46.08 -6.16 -20.21
C VAL A 34 45.67 -4.97 -19.35
N LEU A 35 46.52 -3.95 -19.34
CA LEU A 35 46.21 -2.68 -18.70
C LEU A 35 45.76 -1.72 -19.78
N HIS A 36 44.51 -1.27 -19.71
CA HIS A 36 43.86 -0.61 -20.83
C HIS A 36 43.32 0.74 -20.41
N SER A 37 43.62 1.77 -21.20
CA SER A 37 43.19 3.14 -20.94
C SER A 37 42.01 3.47 -21.84
N THR A 38 40.91 3.91 -21.23
CA THR A 38 39.68 4.19 -21.97
C THR A 38 39.04 5.46 -21.44
N GLN A 39 38.54 6.29 -22.36
CA GLN A 39 37.84 7.52 -22.02
C GLN A 39 36.34 7.34 -22.22
N ASP A 40 35.57 7.62 -21.17
CA ASP A 40 34.11 7.59 -21.25
C ASP A 40 33.56 8.36 -20.06
N LEU A 41 32.23 8.42 -19.99
CA LEU A 41 31.53 9.11 -18.91
C LEU A 41 31.48 8.23 -17.67
N PHE A 42 32.61 8.12 -16.99
CA PHE A 42 32.74 7.33 -15.78
C PHE A 42 32.36 8.14 -14.55
N LEU A 43 32.03 7.44 -13.48
CA LEU A 43 31.75 8.08 -12.20
C LEU A 43 33.06 8.34 -11.46
N PRO A 44 33.32 9.57 -11.05
CA PRO A 44 34.61 9.88 -10.40
C PRO A 44 34.79 9.08 -9.13
N PHE A 45 36.02 8.62 -8.91
CA PHE A 45 36.33 7.89 -7.69
C PHE A 45 36.25 8.82 -6.48
N PHE A 46 35.87 8.24 -5.34
CA PHE A 46 35.79 8.97 -4.07
C PHE A 46 34.91 10.20 -4.22
N SER A 47 33.79 10.04 -4.91
CA SER A 47 32.89 11.17 -5.18
C SER A 47 31.88 11.32 -4.04
N ASN A 48 30.99 12.29 -4.21
CA ASN A 48 29.88 12.52 -3.29
C ASN A 48 28.61 11.97 -3.91
N VAL A 49 28.00 10.99 -3.26
CA VAL A 49 26.79 10.35 -3.76
C VAL A 49 25.69 10.55 -2.73
N THR A 50 24.54 11.03 -3.19
CA THR A 50 23.42 11.29 -2.30
C THR A 50 22.83 9.99 -1.77
N TRP A 51 22.65 9.93 -0.45
CA TRP A 51 22.14 8.74 0.24
C TRP A 51 20.68 8.98 0.57
N PHE A 52 19.79 8.17 0.00
CA PHE A 52 18.36 8.26 0.27
C PHE A 52 17.91 7.08 1.11
N HIS A 53 17.17 7.37 2.18
CA HIS A 53 16.66 6.36 3.10
C HIS A 53 15.14 6.42 3.07
N ALA A 54 14.51 5.47 2.39
CA ALA A 54 13.06 5.31 2.44
C ALA A 54 12.76 4.23 3.46
N ILE A 55 12.65 4.64 4.73
CA ILE A 55 12.38 3.73 5.83
C ILE A 55 11.35 4.38 6.73
N HIS A 56 10.69 3.55 7.55
CA HIS A 56 9.71 4.05 8.50
C HIS A 56 10.44 4.67 9.69
N VAL A 57 10.19 5.95 9.93
CA VAL A 57 10.78 6.64 11.07
C VAL A 57 10.03 6.26 12.34
N SER A 58 10.68 6.48 13.49
CA SER A 58 10.08 6.18 14.78
C SER A 58 8.78 6.97 14.97
N GLY A 59 7.91 6.44 15.82
CA GLY A 59 6.59 7.02 16.00
C GLY A 59 6.61 8.40 16.62
N THR A 60 7.66 8.74 17.37
CA THR A 60 7.73 10.06 17.99
C THR A 60 7.83 11.15 16.94
N ASN A 61 8.63 10.92 15.89
CA ASN A 61 8.75 11.87 14.79
C ASN A 61 7.55 11.74 13.86
N GLY A 62 7.44 12.70 12.94
CA GLY A 62 6.36 12.72 11.96
C GLY A 62 6.23 11.40 11.23
N THR A 63 4.99 10.95 11.03
CA THR A 63 4.73 9.56 10.64
C THR A 63 5.36 9.18 9.31
N LYS A 64 5.72 10.14 8.45
CA LYS A 64 6.20 9.84 7.12
C LYS A 64 7.54 10.52 6.86
N ARG A 65 8.48 9.77 6.29
CA ARG A 65 9.78 10.32 5.94
C ARG A 65 10.29 9.83 4.59
N PHE A 66 9.69 8.78 4.01
CA PHE A 66 10.14 8.24 2.74
C PHE A 66 10.17 9.33 1.66
N ASP A 67 11.18 9.30 0.81
CA ASP A 67 11.42 10.37 -0.14
C ASP A 67 11.68 9.81 -1.52
N ASN A 68 10.98 10.34 -2.51
CA ASN A 68 11.21 10.00 -3.92
C ASN A 68 11.18 11.28 -4.76
N PRO A 69 12.20 12.12 -4.62
CA PRO A 69 12.21 13.40 -5.33
C PRO A 69 12.61 13.24 -6.78
N VAL A 70 12.21 14.22 -7.59
CA VAL A 70 12.60 14.27 -8.98
C VAL A 70 14.01 14.83 -9.04
N LEU A 71 14.98 14.00 -9.41
CA LEU A 71 16.38 14.31 -9.41
C LEU A 71 16.88 14.64 -10.81
N PRO A 72 17.89 15.49 -10.92
CA PRO A 72 18.43 15.82 -12.24
C PRO A 72 19.12 14.64 -12.90
N PHE A 73 19.12 14.68 -14.24
CA PHE A 73 19.87 13.74 -15.07
C PHE A 73 20.94 14.54 -15.78
N ASN A 74 22.20 14.37 -15.35
CA ASN A 74 23.31 15.16 -15.85
C ASN A 74 24.32 14.23 -16.52
N ASP A 75 24.21 14.08 -17.85
CA ASP A 75 25.12 13.27 -18.65
C ASP A 75 25.20 11.83 -18.12
N GLY A 76 24.08 11.31 -17.66
CA GLY A 76 24.06 9.97 -17.12
C GLY A 76 24.15 9.96 -15.60
N VAL A 77 23.51 8.96 -14.99
CA VAL A 77 23.45 8.84 -13.55
C VAL A 77 23.83 7.42 -13.14
N TYR A 78 24.30 7.29 -11.90
CA TYR A 78 24.65 6.02 -11.29
C TYR A 78 23.65 5.73 -10.18
N PHE A 79 23.15 4.50 -10.15
CA PHE A 79 22.08 4.15 -9.22
C PHE A 79 22.40 2.83 -8.54
N ALA A 80 22.25 2.80 -7.22
CA ALA A 80 22.47 1.62 -6.41
C ALA A 80 21.37 1.53 -5.38
N SER A 81 21.18 0.32 -4.83
CA SER A 81 20.15 0.14 -3.81
C SER A 81 20.42 -1.13 -3.03
N THR A 82 20.48 -1.01 -1.71
CA THR A 82 20.67 -2.14 -0.81
C THR A 82 19.33 -2.41 -0.15
N GLU A 83 18.75 -3.57 -0.44
CA GLU A 83 17.37 -3.81 -0.06
C GLU A 83 17.11 -5.31 0.08
N LYS A 84 15.94 -5.63 0.65
CA LYS A 84 15.35 -6.95 0.56
C LYS A 84 13.89 -6.78 0.18
N SER A 85 13.26 -7.89 -0.20
CA SER A 85 11.83 -7.95 -0.49
C SER A 85 11.43 -6.99 -1.62
N ASN A 86 12.39 -6.57 -2.44
CA ASN A 86 12.13 -5.84 -3.68
C ASN A 86 11.24 -4.62 -3.45
N ILE A 87 11.72 -3.71 -2.60
CA ILE A 87 11.00 -2.47 -2.38
C ILE A 87 11.12 -1.55 -3.59
N ILE A 88 12.33 -1.39 -4.11
CA ILE A 88 12.52 -0.58 -5.31
C ILE A 88 12.05 -1.37 -6.52
N ARG A 89 11.24 -0.74 -7.36
CA ARG A 89 10.69 -1.41 -8.55
C ARG A 89 10.47 -0.33 -9.62
N GLY A 90 11.50 -0.13 -10.45
CA GLY A 90 11.35 0.73 -11.60
C GLY A 90 11.80 2.17 -11.37
N TRP A 91 11.96 2.87 -12.50
CA TRP A 91 12.36 4.27 -12.53
C TRP A 91 11.56 4.96 -13.63
N ILE A 92 11.51 6.28 -13.60
CA ILE A 92 10.86 7.06 -14.65
C ILE A 92 11.77 8.18 -15.11
N PHE A 93 12.04 8.23 -16.41
CA PHE A 93 12.96 9.19 -17.02
C PHE A 93 12.21 10.09 -17.99
N GLY A 94 12.51 11.37 -17.97
CA GLY A 94 11.87 12.29 -18.90
C GLY A 94 12.26 13.72 -18.62
N THR A 95 11.92 14.59 -19.58
CA THR A 95 12.26 16.00 -19.47
C THR A 95 11.35 16.73 -18.48
N THR A 96 10.06 16.82 -18.82
CA THR A 96 9.10 17.53 -17.99
C THR A 96 8.26 16.59 -17.12
N LEU A 97 8.30 15.28 -17.39
CA LEU A 97 7.49 14.31 -16.65
C LEU A 97 6.02 14.71 -16.67
N ASP A 98 5.54 15.11 -17.83
CA ASP A 98 4.16 15.52 -18.03
C ASP A 98 3.73 15.05 -19.42
N SER A 99 2.53 15.46 -19.83
CA SER A 99 1.90 14.90 -21.01
C SER A 99 2.48 15.42 -22.33
N LYS A 100 2.89 16.69 -22.36
CA LYS A 100 3.28 17.28 -23.64
C LYS A 100 4.56 16.68 -24.20
N THR A 101 5.49 16.24 -23.36
CA THR A 101 6.72 15.61 -23.84
C THR A 101 6.70 14.11 -23.54
N GLN A 102 7.44 13.37 -24.36
CA GLN A 102 7.59 11.94 -24.15
C GLN A 102 8.51 11.65 -22.97
N SER A 103 8.32 10.48 -22.36
CA SER A 103 9.12 10.06 -21.23
C SER A 103 9.23 8.54 -21.23
N LEU A 104 10.28 8.03 -20.58
CA LEU A 104 10.55 6.60 -20.55
C LEU A 104 10.10 6.01 -19.23
N LEU A 105 9.23 5.01 -19.31
CA LEU A 105 8.72 4.31 -18.13
C LEU A 105 9.31 2.92 -18.12
N ILE A 106 10.07 2.60 -17.06
CA ILE A 106 10.75 1.33 -16.94
C ILE A 106 10.43 0.80 -15.54
N VAL A 107 9.45 -0.10 -15.47
CA VAL A 107 8.91 -0.60 -14.21
C VAL A 107 8.96 -2.12 -14.25
N ASN A 108 9.33 -2.73 -13.12
CA ASN A 108 9.71 -4.13 -13.10
C ASN A 108 8.98 -4.82 -11.95
N ASN A 109 7.94 -5.57 -12.29
CA ASN A 109 7.34 -6.54 -11.38
C ASN A 109 8.23 -7.77 -11.29
N ALA A 110 8.23 -8.42 -10.13
CA ALA A 110 9.21 -9.47 -9.86
C ALA A 110 9.35 -10.46 -11.01
N THR A 111 8.25 -10.79 -11.69
CA THR A 111 8.33 -11.75 -12.78
C THR A 111 8.75 -11.11 -14.11
N ASN A 112 8.48 -9.82 -14.31
CA ASN A 112 8.68 -9.22 -15.63
C ASN A 112 8.92 -7.72 -15.56
N VAL A 113 9.49 -7.20 -16.64
CA VAL A 113 9.83 -5.78 -16.78
C VAL A 113 9.15 -5.21 -18.02
N VAL A 114 8.58 -4.02 -17.88
CA VAL A 114 7.93 -3.32 -18.97
C VAL A 114 8.66 -2.01 -19.20
N ILE A 115 9.01 -1.73 -20.45
CA ILE A 115 9.79 -0.55 -20.82
C ILE A 115 9.02 0.13 -21.94
N LYS A 116 8.26 1.17 -21.59
CA LYS A 116 7.44 1.90 -22.54
C LYS A 116 7.86 3.36 -22.56
N VAL A 117 8.06 3.90 -23.75
CA VAL A 117 8.26 5.33 -23.92
C VAL A 117 7.03 5.88 -24.63
N CYS A 118 6.23 6.62 -23.87
CA CYS A 118 4.96 7.14 -24.34
C CYS A 118 4.71 8.44 -23.59
N GLU A 119 3.89 9.31 -24.18
CA GLU A 119 3.51 10.51 -23.46
C GLU A 119 2.65 10.12 -22.26
N PHE A 120 3.08 10.57 -21.07
CA PHE A 120 2.46 10.16 -19.82
C PHE A 120 2.21 11.40 -18.97
N GLN A 121 0.98 11.56 -18.51
CA GLN A 121 0.71 12.52 -17.45
C GLN A 121 0.91 11.79 -16.13
N PHE A 122 1.89 12.23 -15.35
CA PHE A 122 2.31 11.50 -14.17
C PHE A 122 1.67 12.03 -12.90
N CYS A 123 1.63 11.16 -11.91
CA CYS A 123 1.20 11.53 -10.57
C CYS A 123 2.38 12.15 -9.85
N ASN A 124 2.09 13.07 -8.92
CA ASN A 124 3.16 13.64 -8.10
C ASN A 124 4.00 12.55 -7.44
N ASP A 125 3.36 11.60 -6.77
CA ASP A 125 4.04 10.52 -6.07
C ASP A 125 3.58 9.20 -6.65
N PRO A 126 4.28 8.66 -7.65
CA PRO A 126 3.86 7.39 -8.24
C PRO A 126 4.40 6.21 -7.43
N PHE A 127 3.55 5.20 -7.26
CA PHE A 127 3.95 4.04 -6.47
C PHE A 127 3.16 2.82 -6.90
N LEU A 128 3.84 1.68 -6.94
CA LEU A 128 3.16 0.40 -7.15
C LEU A 128 2.59 -0.07 -5.82
N GLY A 129 1.28 -0.29 -5.78
CA GLY A 129 0.65 -0.55 -4.49
C GLY A 129 0.36 -2.02 -4.23
N VAL A 130 1.21 -2.66 -3.42
CA VAL A 130 1.01 -4.05 -3.07
C VAL A 130 0.22 -4.12 -1.77
N TYR A 131 -0.43 -5.25 -1.54
CA TYR A 131 -1.21 -5.48 -0.34
C TYR A 131 -0.79 -6.80 0.29
N TYR A 132 -1.01 -6.91 1.59
CA TYR A 132 -0.69 -8.15 2.31
C TYR A 132 -1.84 -8.51 3.25
N HIS A 133 -2.01 -9.79 3.52
CA HIS A 133 -3.12 -10.28 4.32
C HIS A 133 -2.57 -11.04 5.53
N LYS A 134 -3.35 -11.07 6.60
CA LYS A 134 -2.91 -11.65 7.86
C LYS A 134 -3.29 -13.12 8.01
N ASN A 135 -4.53 -13.51 7.69
CA ASN A 135 -4.93 -14.91 7.87
C ASN A 135 -4.16 -15.82 6.93
N ASN A 136 -4.10 -15.47 5.65
CA ASN A 136 -3.42 -16.31 4.67
C ASN A 136 -1.91 -16.26 4.85
N LYS A 137 -1.39 -15.13 5.34
CA LYS A 137 0.05 -14.89 5.45
C LYS A 137 0.71 -14.99 4.08
N SER A 138 0.13 -14.30 3.11
CA SER A 138 0.61 -14.29 1.73
C SER A 138 0.52 -12.86 1.19
N TRP A 139 1.37 -12.56 0.21
CA TRP A 139 1.38 -11.25 -0.42
C TRP A 139 0.66 -11.31 -1.77
N MET A 140 -0.14 -10.28 -2.04
CA MET A 140 -1.20 -10.29 -3.03
C MET A 140 -0.88 -9.34 -4.18
N GLU A 141 -1.86 -9.11 -5.05
CA GLU A 141 -1.67 -8.34 -6.26
C GLU A 141 -1.39 -6.88 -5.94
N SER A 142 -0.97 -6.14 -6.97
CA SER A 142 -0.61 -4.74 -6.83
C SER A 142 -1.46 -3.87 -7.76
N GLU A 143 -1.40 -2.56 -7.51
CA GLU A 143 -2.04 -1.55 -8.36
C GLU A 143 -0.98 -0.59 -8.85
N PHE A 144 -1.01 -0.30 -10.15
CA PHE A 144 0.07 0.45 -10.79
C PHE A 144 0.16 1.88 -10.25
N ARG A 145 -0.90 2.67 -10.42
CA ARG A 145 -1.01 4.00 -9.83
C ARG A 145 0.20 4.90 -10.14
N VAL A 146 0.56 5.00 -11.42
CA VAL A 146 1.70 5.81 -11.82
C VAL A 146 1.36 6.88 -12.84
N TYR A 147 0.31 6.73 -13.65
CA TYR A 147 -0.01 7.75 -14.63
C TYR A 147 -1.50 7.83 -14.83
N SER A 148 -1.98 9.05 -15.17
CA SER A 148 -3.39 9.25 -15.44
C SER A 148 -3.75 8.89 -16.87
N SER A 149 -2.88 9.19 -17.83
CA SER A 149 -3.19 8.99 -19.24
C SER A 149 -1.93 8.62 -19.99
N ALA A 150 -2.10 7.78 -21.02
CA ALA A 150 -1.00 7.34 -21.88
C ALA A 150 -1.44 7.46 -23.33
N ASN A 151 -0.69 8.25 -24.11
CA ASN A 151 -1.09 8.53 -25.49
C ASN A 151 0.15 8.68 -26.36
N ASN A 152 -0.01 8.35 -27.63
CA ASN A 152 1.04 8.45 -28.65
C ASN A 152 2.27 7.61 -28.27
N CYS A 153 2.04 6.34 -27.93
CA CYS A 153 3.15 5.47 -27.57
C CYS A 153 3.94 5.09 -28.83
N THR A 154 5.27 4.98 -28.65
CA THR A 154 6.15 4.74 -29.79
C THR A 154 7.14 3.62 -29.60
N PHE A 155 7.19 2.97 -28.43
CA PHE A 155 8.07 1.83 -28.23
C PHE A 155 7.70 1.05 -26.96
N GLU A 156 7.47 -0.25 -27.12
CA GLU A 156 7.17 -1.17 -26.03
C GLU A 156 8.20 -2.28 -26.06
N TYR A 157 8.82 -2.57 -24.91
CA TYR A 157 9.69 -3.73 -24.82
C TYR A 157 9.62 -4.48 -23.50
N VAL A 158 9.49 -5.80 -23.61
CA VAL A 158 9.22 -6.70 -22.48
C VAL A 158 10.30 -7.78 -22.50
N SER A 159 10.91 -8.06 -21.35
CA SER A 159 11.94 -9.09 -21.29
C SER A 159 11.98 -9.70 -19.89
N GLN A 160 12.94 -10.60 -19.70
CA GLN A 160 13.11 -11.24 -18.40
C GLN A 160 13.52 -10.19 -17.37
N PRO A 161 12.97 -10.24 -16.16
CA PRO A 161 13.20 -9.15 -15.21
C PRO A 161 14.67 -9.02 -14.84
N PHE A 162 15.10 -7.77 -14.69
CA PHE A 162 16.51 -7.51 -14.39
C PHE A 162 16.67 -6.89 -13.01
N ASN A 172 19.29 -7.10 8.75
CA ASN A 172 20.40 -6.74 7.87
C ASN A 172 19.94 -6.65 6.42
N PHE A 173 20.88 -6.38 5.52
CA PHE A 173 20.61 -6.32 4.09
C PHE A 173 21.46 -7.35 3.37
N LYS A 174 20.96 -7.81 2.22
CA LYS A 174 21.64 -8.90 1.53
C LYS A 174 21.90 -8.62 0.05
N ASN A 175 21.07 -7.80 -0.59
CA ASN A 175 21.16 -7.59 -2.04
C ASN A 175 21.68 -6.18 -2.33
N LEU A 176 22.66 -6.10 -3.23
CA LEU A 176 23.22 -4.82 -3.68
C LEU A 176 23.12 -4.80 -5.21
N ARG A 177 22.18 -4.04 -5.73
CA ARG A 177 21.99 -3.91 -7.17
C ARG A 177 22.52 -2.56 -7.64
N GLU A 178 23.24 -2.59 -8.76
CA GLU A 178 23.85 -1.39 -9.32
C GLU A 178 23.45 -1.22 -10.77
N PHE A 179 23.12 0.01 -11.15
CA PHE A 179 22.77 0.33 -12.52
C PHE A 179 23.46 1.63 -12.92
N VAL A 180 23.86 1.71 -14.18
CA VAL A 180 24.39 2.93 -14.77
C VAL A 180 23.58 3.24 -16.01
N PHE A 181 22.99 4.43 -16.06
CA PHE A 181 22.16 4.86 -17.18
C PHE A 181 22.88 5.96 -17.95
N LYS A 182 22.86 5.85 -19.28
CA LYS A 182 23.60 6.79 -20.11
C LYS A 182 22.90 6.96 -21.44
N ASN A 183 22.66 8.21 -21.84
CA ASN A 183 22.04 8.53 -23.12
C ASN A 183 23.09 9.20 -24.02
N ILE A 184 23.54 8.46 -25.04
CA ILE A 184 24.53 8.98 -25.99
C ILE A 184 24.10 8.65 -27.41
N ASP A 185 24.18 9.64 -28.30
CA ASP A 185 23.92 9.49 -29.73
C ASP A 185 22.52 8.94 -30.03
N GLY A 186 21.55 9.23 -29.18
CA GLY A 186 20.20 8.75 -29.39
C GLY A 186 19.86 7.41 -28.79
N TYR A 187 20.80 6.74 -28.12
CA TYR A 187 20.54 5.45 -27.51
C TYR A 187 20.62 5.56 -25.99
N PHE A 188 19.80 4.76 -25.31
CA PHE A 188 19.77 4.70 -23.86
C PHE A 188 20.34 3.36 -23.44
N LYS A 189 21.46 3.38 -22.74
CA LYS A 189 22.19 2.17 -22.40
C LYS A 189 22.17 1.91 -20.90
N ILE A 190 21.93 0.65 -20.54
CA ILE A 190 21.81 0.20 -19.17
C ILE A 190 22.94 -0.78 -18.89
N TYR A 191 23.70 -0.52 -17.83
CA TYR A 191 24.72 -1.45 -17.35
C TYR A 191 24.35 -1.87 -15.94
N SER A 192 24.50 -3.15 -15.63
CA SER A 192 23.97 -3.67 -14.39
C SER A 192 24.94 -4.65 -13.76
N LYS A 193 24.78 -4.83 -12.44
CA LYS A 193 25.53 -5.83 -11.70
C LYS A 193 24.73 -6.13 -10.44
N HIS A 194 24.71 -7.39 -10.03
CA HIS A 194 24.00 -7.82 -8.84
C HIS A 194 24.97 -8.58 -7.95
N THR A 195 25.07 -8.16 -6.70
CA THR A 195 26.05 -8.72 -5.79
C THR A 195 25.51 -8.86 -4.37
N PRO A 196 25.51 -10.06 -3.80
CA PRO A 196 25.14 -10.22 -2.39
C PRO A 196 26.21 -9.61 -1.48
N ILE A 197 25.75 -8.83 -0.50
CA ILE A 197 26.63 -8.13 0.43
C ILE A 197 26.07 -8.27 1.84
N ASN A 198 26.83 -7.76 2.82
CA ASN A 198 26.40 -7.86 4.21
C ASN A 198 26.65 -6.62 5.07
N LEU A 199 27.26 -5.56 4.55
CA LEU A 199 27.37 -4.35 5.35
C LEU A 199 26.08 -3.53 5.22
N VAL A 200 25.50 -3.18 6.36
CA VAL A 200 24.09 -2.78 6.38
C VAL A 200 23.85 -1.36 5.87
N ARG A 201 24.76 -0.41 6.09
CA ARG A 201 24.41 0.99 5.90
C ARG A 201 25.36 1.72 4.96
N ASP A 202 26.29 1.04 4.31
CA ASP A 202 27.30 1.76 3.54
C ASP A 202 27.64 0.99 2.27
N LEU A 203 28.19 1.72 1.31
CA LEU A 203 28.68 1.11 0.09
C LEU A 203 29.91 0.27 0.41
N PRO A 204 30.00 -0.96 -0.10
CA PRO A 204 31.15 -1.81 0.22
C PRO A 204 32.45 -1.26 -0.33
N GLN A 205 33.54 -1.59 0.35
CA GLN A 205 34.89 -1.24 -0.09
C GLN A 205 35.40 -2.38 -0.97
N GLY A 206 35.17 -2.25 -2.27
CA GLY A 206 35.59 -3.28 -3.19
C GLY A 206 35.29 -2.88 -4.62
N PHE A 207 35.73 -3.73 -5.54
CA PHE A 207 35.62 -3.48 -6.97
C PHE A 207 34.62 -4.44 -7.60
N SER A 208 33.67 -3.90 -8.34
CA SER A 208 32.68 -4.68 -9.07
C SER A 208 32.48 -4.04 -10.44
N ALA A 209 32.46 -4.87 -11.48
CA ALA A 209 32.33 -4.40 -12.85
C ALA A 209 30.92 -4.65 -13.36
N LEU A 210 30.33 -3.64 -13.99
CA LEU A 210 28.98 -3.74 -14.51
C LEU A 210 29.00 -4.23 -15.95
N GLU A 211 28.03 -5.07 -16.29
CA GLU A 211 27.95 -5.70 -17.60
C GLU A 211 26.85 -5.08 -18.45
N PRO A 212 27.01 -5.04 -19.76
CA PRO A 212 26.02 -4.37 -20.62
C PRO A 212 24.72 -5.14 -20.74
N LEU A 213 23.64 -4.60 -20.17
CA LEU A 213 22.36 -5.29 -20.18
C LEU A 213 21.60 -5.07 -21.48
N VAL A 214 21.33 -3.81 -21.83
CA VAL A 214 20.58 -3.50 -23.04
C VAL A 214 20.85 -2.07 -23.44
N ASP A 215 20.75 -1.80 -24.74
CA ASP A 215 20.81 -0.46 -25.31
C ASP A 215 19.57 -0.25 -26.17
N LEU A 216 18.89 0.88 -25.96
CA LEU A 216 17.57 1.07 -26.55
C LEU A 216 17.57 2.25 -27.50
N PRO A 217 16.82 2.17 -28.61
CA PRO A 217 16.74 3.29 -29.57
C PRO A 217 15.61 4.27 -29.26
N ILE A 218 15.64 4.83 -28.05
CA ILE A 218 14.54 5.67 -27.60
C ILE A 218 14.48 6.97 -28.41
N GLY A 219 15.60 7.66 -28.55
CA GLY A 219 15.60 8.98 -29.17
C GLY A 219 14.70 9.99 -28.47
N ILE A 220 14.79 10.09 -27.15
CA ILE A 220 14.06 11.10 -26.40
C ILE A 220 15.05 11.92 -25.59
N ASN A 221 14.72 13.20 -25.42
CA ASN A 221 15.48 14.08 -24.54
C ASN A 221 15.23 13.68 -23.09
N ILE A 222 16.30 13.45 -22.33
CA ILE A 222 16.23 13.03 -20.95
C ILE A 222 16.89 14.10 -20.08
N THR A 223 16.10 14.75 -19.23
CA THR A 223 16.60 15.81 -18.36
C THR A 223 16.48 15.50 -16.88
N ARG A 224 15.48 14.72 -16.46
CA ARG A 224 15.25 14.43 -15.06
C ARG A 224 14.73 13.01 -14.92
N PHE A 225 14.93 12.43 -13.73
CA PHE A 225 14.45 11.09 -13.47
C PHE A 225 13.93 10.99 -12.03
N GLN A 226 12.94 10.12 -11.85
CA GLN A 226 12.31 9.89 -10.56
C GLN A 226 12.23 8.39 -10.32
N THR A 227 12.56 7.96 -9.12
CA THR A 227 12.54 6.54 -8.79
C THR A 227 11.15 6.11 -8.36
N LEU A 228 10.84 4.84 -8.60
CA LEU A 228 9.54 4.26 -8.30
C LEU A 228 9.69 3.24 -7.18
N LEU A 229 8.99 3.47 -6.07
CA LEU A 229 9.03 2.59 -4.92
C LEU A 229 7.67 1.92 -4.73
N ALA A 230 7.68 0.66 -4.33
CA ALA A 230 6.47 -0.09 -4.06
C ALA A 230 6.16 -0.09 -2.58
N LEU A 231 4.89 0.13 -2.24
CA LEU A 231 4.47 0.33 -0.87
C LEU A 231 3.43 -0.72 -0.50
N HIS A 232 3.35 -1.02 0.80
CA HIS A 232 2.54 -2.14 1.29
C HIS A 232 1.59 -1.69 2.39
N ARG A 233 0.31 -2.02 2.23
CA ARG A 233 -0.69 -1.79 3.25
C ARG A 233 -1.57 -3.03 3.33
N SER A 234 -1.88 -3.44 4.56
CA SER A 234 -2.61 -4.69 4.80
C SER A 234 -4.12 -4.56 4.78
N TYR A 235 -4.66 -3.35 4.70
CA TYR A 235 -6.10 -3.15 4.60
C TYR A 235 -6.41 -2.35 3.34
N LEU A 236 -7.52 -2.68 2.69
CA LEU A 236 -7.96 -1.93 1.52
C LEU A 236 -9.43 -1.57 1.65
N THR A 237 -9.72 -0.29 1.50
CA THR A 237 -11.04 0.28 1.37
C THR A 237 -11.04 1.18 0.14
N PRO A 238 -12.15 1.24 -0.59
CA PRO A 238 -12.10 1.93 -1.89
C PRO A 238 -12.13 3.45 -1.78
N GLY A 239 -12.77 3.97 -0.73
CA GLY A 239 -12.91 5.40 -0.62
C GLY A 239 -11.82 6.14 0.13
N ASP A 240 -10.86 5.44 0.71
CA ASP A 240 -9.82 6.09 1.54
C ASP A 240 -8.48 5.45 1.26
N SER A 241 -7.52 6.26 0.82
CA SER A 241 -6.19 5.77 0.50
C SER A 241 -5.16 6.75 1.07
N SER A 242 -3.89 6.52 0.73
CA SER A 242 -2.77 7.32 1.24
C SER A 242 -2.77 7.38 2.76
N SER A 243 -3.20 6.28 3.39
CA SER A 243 -3.18 6.18 4.84
C SER A 243 -2.90 4.72 5.18
N GLY A 244 -1.77 4.46 5.81
CA GLY A 244 -1.38 3.13 6.17
C GLY A 244 -0.29 2.52 5.32
N TRP A 245 0.38 3.32 4.49
CA TRP A 245 1.46 2.82 3.66
C TRP A 245 2.77 2.89 4.42
N THR A 246 3.58 1.85 4.27
CA THR A 246 4.88 1.76 4.95
C THR A 246 5.93 1.38 3.91
N ALA A 247 7.13 1.93 4.07
CA ALA A 247 8.17 1.77 3.07
C ALA A 247 9.10 0.59 3.35
N GLY A 248 8.93 -0.08 4.48
CA GLY A 248 9.85 -1.16 4.82
C GLY A 248 11.20 -0.58 5.17
N ALA A 249 12.25 -1.17 4.62
CA ALA A 249 13.62 -0.72 4.88
C ALA A 249 14.42 -0.88 3.59
N ALA A 250 14.50 0.18 2.82
CA ALA A 250 15.26 0.20 1.57
C ALA A 250 15.98 1.54 1.44
N ALA A 251 17.19 1.49 0.91
CA ALA A 251 18.00 2.68 0.69
C ALA A 251 18.57 2.64 -0.71
N TYR A 252 18.54 3.78 -1.40
CA TYR A 252 19.09 3.89 -2.73
C TYR A 252 20.04 5.06 -2.80
N TYR A 253 20.99 4.98 -3.73
CA TYR A 253 22.08 5.94 -3.84
C TYR A 253 22.18 6.42 -5.28
N VAL A 254 22.39 7.72 -5.46
CA VAL A 254 22.48 8.31 -6.80
C VAL A 254 23.78 9.09 -6.90
N GLY A 255 24.55 8.81 -7.95
CA GLY A 255 25.73 9.58 -8.27
C GLY A 255 25.67 10.02 -9.72
N TYR A 256 26.58 10.92 -10.09
CA TYR A 256 26.55 11.53 -11.40
C TYR A 256 27.84 11.25 -12.16
N LEU A 257 27.68 10.92 -13.44
CA LEU A 257 28.80 10.60 -14.32
C LEU A 257 29.46 11.87 -14.85
N GLN A 258 30.70 11.71 -15.32
CA GLN A 258 31.49 12.84 -15.78
C GLN A 258 32.52 12.34 -16.77
N PRO A 259 32.85 13.11 -17.80
CA PRO A 259 33.86 12.66 -18.77
C PRO A 259 35.24 12.56 -18.17
N ARG A 260 35.74 11.33 -18.01
CA ARG A 260 37.02 11.09 -17.38
C ARG A 260 37.73 9.95 -18.10
N THR A 261 39.05 9.92 -17.93
CA THR A 261 39.87 8.86 -18.48
C THR A 261 40.23 7.85 -17.39
N PHE A 262 40.15 6.57 -17.73
CA PHE A 262 40.39 5.49 -16.79
C PHE A 262 41.45 4.56 -17.35
N LEU A 263 42.18 3.90 -16.45
CA LEU A 263 43.06 2.81 -16.81
C LEU A 263 42.59 1.57 -16.07
N LEU A 264 42.38 0.47 -16.81
CA LEU A 264 41.70 -0.71 -16.29
C LEU A 264 42.65 -1.91 -16.25
N LYS A 265 42.59 -2.66 -15.16
CA LYS A 265 43.33 -3.91 -15.03
C LYS A 265 42.42 -5.04 -15.46
N TYR A 266 42.83 -5.80 -16.48
CA TYR A 266 42.06 -6.94 -16.96
C TYR A 266 42.70 -8.23 -16.46
N ASN A 267 41.86 -9.12 -15.92
CA ASN A 267 42.34 -10.33 -15.28
C ASN A 267 42.66 -11.41 -16.32
N GLU A 268 43.23 -12.52 -15.84
CA GLU A 268 43.54 -13.64 -16.73
C GLU A 268 42.29 -14.22 -17.35
N ASN A 269 41.21 -14.30 -16.58
CA ASN A 269 39.94 -14.83 -17.04
C ASN A 269 39.06 -13.78 -17.71
N GLY A 270 39.59 -12.57 -17.92
CA GLY A 270 38.85 -11.55 -18.62
C GLY A 270 38.03 -10.61 -17.75
N THR A 271 38.12 -10.72 -16.43
CA THR A 271 37.37 -9.83 -15.57
C THR A 271 38.15 -8.55 -15.28
N ILE A 272 37.42 -7.50 -14.93
CA ILE A 272 38.02 -6.24 -14.52
C ILE A 272 38.17 -6.26 -13.00
N THR A 273 39.41 -6.27 -12.52
CA THR A 273 39.70 -6.39 -11.10
C THR A 273 40.08 -5.07 -10.46
N ASP A 274 40.67 -4.14 -11.21
CA ASP A 274 41.10 -2.86 -10.68
C ASP A 274 41.02 -1.82 -11.78
N ALA A 275 40.97 -0.55 -11.35
CA ALA A 275 40.95 0.58 -12.26
C ALA A 275 41.51 1.79 -11.53
N VAL A 276 41.98 2.76 -12.29
CA VAL A 276 42.60 3.96 -11.72
C VAL A 276 41.93 5.20 -12.29
N ASP A 277 41.55 6.11 -11.40
CA ASP A 277 41.10 7.45 -11.77
C ASP A 277 42.31 8.31 -12.07
N CYS A 278 42.40 8.84 -13.27
CA CYS A 278 43.60 9.57 -13.66
C CYS A 278 43.59 11.02 -13.19
N ALA A 279 42.53 11.47 -12.52
CA ALA A 279 42.42 12.84 -12.06
C ALA A 279 42.19 12.97 -10.56
N LEU A 280 42.38 11.89 -9.79
CA LEU A 280 42.20 11.99 -8.35
C LEU A 280 43.25 12.89 -7.71
N ASP A 281 44.53 12.62 -8.00
CA ASP A 281 45.62 13.40 -7.44
C ASP A 281 46.84 13.24 -8.35
N PRO A 282 47.97 13.92 -8.06
CA PRO A 282 49.16 13.69 -8.90
C PRO A 282 49.64 12.25 -8.91
N LEU A 283 49.53 11.53 -7.79
CA LEU A 283 49.95 10.14 -7.77
C LEU A 283 49.12 9.29 -8.72
N SER A 284 47.81 9.51 -8.72
CA SER A 284 46.96 8.74 -9.61
C SER A 284 47.23 9.11 -11.07
N GLU A 285 47.52 10.39 -11.33
CA GLU A 285 47.87 10.80 -12.68
C GLU A 285 49.17 10.15 -13.14
N THR A 286 50.16 10.06 -12.26
CA THR A 286 51.42 9.45 -12.67
C THR A 286 51.26 7.95 -12.86
N LYS A 287 50.39 7.30 -12.08
CA LYS A 287 50.08 5.90 -12.35
C LYS A 287 49.38 5.76 -13.70
N CYS A 288 48.47 6.67 -14.02
CA CYS A 288 47.73 6.59 -15.27
C CYS A 288 48.66 6.77 -16.47
N THR A 289 49.63 7.67 -16.35
CA THR A 289 50.56 7.89 -17.46
C THR A 289 51.58 6.77 -17.55
N LEU A 290 52.07 6.29 -16.41
CA LEU A 290 53.03 5.19 -16.42
C LEU A 290 52.37 3.90 -16.91
N LYS A 291 51.08 3.72 -16.63
CA LYS A 291 50.32 2.53 -16.97
C LYS A 291 50.96 1.28 -16.38
N GLU B 1 -16.99 -22.10 14.67
CA GLU B 1 -17.64 -21.19 15.61
C GLU B 1 -16.61 -20.28 16.29
N VAL B 2 -16.92 -18.99 16.33
CA VAL B 2 -16.17 -18.01 17.11
C VAL B 2 -17.17 -17.18 17.91
N GLN B 3 -16.88 -17.01 19.20
CA GLN B 3 -17.75 -16.27 20.11
C GLN B 3 -16.93 -15.28 20.91
N LEU B 4 -17.57 -14.20 21.34
CA LEU B 4 -16.88 -13.10 22.01
C LEU B 4 -17.52 -12.84 23.36
N GLN B 5 -16.68 -12.43 24.32
CA GLN B 5 -17.10 -12.17 25.69
C GLN B 5 -17.04 -10.68 25.97
N GLN B 6 -18.13 -10.12 26.48
CA GLN B 6 -18.36 -8.69 26.46
C GLN B 6 -18.77 -8.19 27.84
N SER B 7 -18.46 -6.92 28.08
CA SER B 7 -18.83 -6.26 29.33
C SER B 7 -20.35 -6.25 29.52
N GLY B 8 -20.78 -6.59 30.73
CA GLY B 8 -22.19 -6.60 31.04
C GLY B 8 -22.76 -5.19 31.14
N ALA B 9 -24.08 -5.12 31.30
CA ALA B 9 -24.76 -3.84 31.36
C ALA B 9 -24.24 -3.00 32.52
N GLU B 10 -24.11 -1.70 32.29
CA GLU B 10 -23.49 -0.78 33.24
C GLU B 10 -24.44 0.37 33.56
N LEU B 11 -24.43 0.79 34.81
CA LEU B 11 -25.15 1.98 35.26
C LEU B 11 -24.14 2.93 35.91
N VAL B 12 -24.00 4.11 35.33
CA VAL B 12 -22.89 5.00 35.66
C VAL B 12 -23.36 6.45 35.74
N ARG B 13 -22.55 7.27 36.42
CA ARG B 13 -22.70 8.71 36.52
C ARG B 13 -22.10 9.42 35.31
N PRO B 14 -22.68 10.57 34.88
CA PRO B 14 -22.09 11.33 33.79
C PRO B 14 -20.85 12.07 34.28
N GLY B 15 -20.09 12.63 33.35
CA GLY B 15 -18.89 13.38 33.66
C GLY B 15 -17.67 12.56 33.98
N ALA B 16 -17.64 11.30 33.58
CA ALA B 16 -16.47 10.46 33.80
C ALA B 16 -16.32 9.46 32.68
N LEU B 17 -15.10 8.94 32.54
CA LEU B 17 -14.77 8.02 31.48
C LEU B 17 -15.48 6.68 31.67
N VAL B 18 -15.39 5.83 30.65
CA VAL B 18 -15.96 4.48 30.68
C VAL B 18 -15.01 3.57 29.91
N LYS B 19 -14.93 2.32 30.35
CA LYS B 19 -14.04 1.33 29.74
C LYS B 19 -14.83 0.09 29.36
N LEU B 20 -14.44 -0.50 28.23
CA LEU B 20 -15.12 -1.67 27.67
C LEU B 20 -14.08 -2.73 27.32
N SER B 21 -14.48 -3.99 27.37
CA SER B 21 -13.60 -5.10 27.08
C SER B 21 -14.27 -6.06 26.11
N CYS B 22 -13.55 -6.43 25.06
CA CYS B 22 -14.04 -7.33 24.03
C CYS B 22 -13.06 -8.49 23.91
N LYS B 23 -13.53 -9.71 24.12
CA LYS B 23 -12.68 -10.87 24.27
C LYS B 23 -12.95 -11.87 23.16
N ALA B 24 -11.89 -12.59 22.77
CA ALA B 24 -11.93 -13.49 21.63
C ALA B 24 -11.29 -14.83 21.98
N SER B 25 -11.74 -15.89 21.32
CA SER B 25 -11.19 -17.22 21.51
C SER B 25 -11.12 -17.95 20.17
N GLY B 26 -10.11 -18.80 20.04
CA GLY B 26 -9.86 -19.50 18.81
C GLY B 26 -8.90 -18.82 17.86
N PHE B 27 -8.39 -17.63 18.22
CA PHE B 27 -7.46 -16.90 17.36
C PHE B 27 -6.80 -15.80 18.18
N ASN B 28 -5.77 -15.21 17.60
CA ASN B 28 -5.07 -14.06 18.18
C ASN B 28 -5.56 -12.78 17.52
N ILE B 29 -5.70 -11.73 18.33
CA ILE B 29 -6.19 -10.45 17.81
C ILE B 29 -5.27 -9.92 16.71
N LYS B 30 -4.00 -10.30 16.74
CA LYS B 30 -3.08 -9.91 15.68
C LYS B 30 -3.58 -10.40 14.31
N ASP B 31 -4.24 -11.55 14.28
CA ASP B 31 -4.70 -12.12 13.02
C ASP B 31 -5.75 -11.26 12.33
N TYR B 32 -6.45 -10.40 13.06
CA TYR B 32 -7.54 -9.62 12.48
C TYR B 32 -7.51 -8.16 12.87
N PHE B 33 -8.56 -7.43 12.50
CA PHE B 33 -8.78 -6.04 12.88
C PHE B 33 -9.99 -5.99 13.81
N VAL B 34 -10.11 -4.90 14.56
CA VAL B 34 -11.14 -4.79 15.58
C VAL B 34 -11.91 -3.50 15.36
N HIS B 35 -13.23 -3.60 15.27
CA HIS B 35 -14.13 -2.46 15.16
C HIS B 35 -14.93 -2.34 16.45
N TRP B 36 -15.45 -1.14 16.69
CA TRP B 36 -16.32 -0.92 17.82
C TRP B 36 -17.60 -0.25 17.34
N VAL B 37 -18.68 -0.51 18.05
CA VAL B 37 -20.03 -0.14 17.63
C VAL B 37 -20.83 0.30 18.84
N LYS B 38 -21.61 1.38 18.67
CA LYS B 38 -22.59 1.76 19.67
C LYS B 38 -23.95 1.88 19.00
N GLN B 39 -24.98 1.36 19.67
CA GLN B 39 -26.30 1.21 19.08
C GLN B 39 -27.34 1.93 19.94
N ARG B 40 -28.26 2.62 19.26
CA ARG B 40 -29.38 3.29 19.89
C ARG B 40 -30.65 2.96 19.11
N PRO B 41 -31.72 2.51 19.77
CA PRO B 41 -32.95 2.21 19.03
C PRO B 41 -33.46 3.40 18.24
N VAL B 42 -33.67 4.51 18.92
CA VAL B 42 -33.88 5.80 18.26
C VAL B 42 -32.51 6.44 18.07
N GLN B 43 -32.32 7.09 16.91
CA GLN B 43 -31.06 7.65 16.41
C GLN B 43 -30.16 6.58 15.81
N GLY B 44 -30.58 5.31 15.81
CA GLY B 44 -29.91 4.24 15.12
C GLY B 44 -28.59 3.79 15.73
N LEU B 45 -27.84 3.05 14.93
CA LEU B 45 -26.55 2.48 15.28
C LEU B 45 -25.42 3.27 14.61
N GLU B 46 -24.28 3.34 15.30
CA GLU B 46 -23.16 4.16 14.85
C GLU B 46 -21.91 3.31 14.67
N TRP B 47 -21.01 3.82 13.84
CA TRP B 47 -19.78 3.15 13.42
C TRP B 47 -18.61 3.97 13.96
N ILE B 48 -17.73 3.35 14.73
CA ILE B 48 -16.69 4.07 15.46
C ILE B 48 -15.34 4.01 14.76
N GLY B 49 -14.85 2.83 14.41
CA GLY B 49 -13.59 2.74 13.71
C GLY B 49 -12.86 1.46 14.03
N TRP B 50 -11.62 1.37 13.53
CA TRP B 50 -10.81 0.16 13.62
C TRP B 50 -9.45 0.43 14.25
N ILE B 51 -8.97 -0.54 15.02
CA ILE B 51 -7.67 -0.51 15.66
C ILE B 51 -6.88 -1.73 15.20
N ASP B 52 -5.57 -1.55 14.97
CA ASP B 52 -4.71 -2.62 14.49
C ASP B 52 -3.73 -3.03 15.58
N PRO B 53 -3.89 -4.21 16.19
CA PRO B 53 -2.89 -4.66 17.18
C PRO B 53 -1.49 -4.79 16.62
N GLU B 54 -1.33 -5.19 15.35
CA GLU B 54 0.01 -5.37 14.80
C GLU B 54 0.68 -4.04 14.53
N ASN B 55 -0.09 -3.03 14.13
CA ASN B 55 0.50 -1.74 13.77
C ASN B 55 0.94 -0.97 15.01
N GLY B 56 0.17 -1.07 16.10
CA GLY B 56 0.33 -0.20 17.24
C GLY B 56 -0.35 1.14 17.09
N ASN B 57 -1.16 1.33 16.05
CA ASN B 57 -1.89 2.57 15.83
C ASN B 57 -3.35 2.24 15.54
N THR B 58 -4.17 3.28 15.40
CA THR B 58 -5.59 3.09 15.17
C THR B 58 -6.16 4.28 14.40
N ILE B 59 -7.00 3.98 13.42
CA ILE B 59 -7.73 4.96 12.62
C ILE B 59 -9.18 4.96 13.07
N TYR B 60 -9.66 6.13 13.50
CA TYR B 60 -11.00 6.28 14.07
C TYR B 60 -11.94 6.92 13.06
N GLY B 61 -13.22 6.88 13.39
CA GLY B 61 -14.22 7.59 12.62
C GLY B 61 -14.34 9.03 13.03
N PRO B 62 -14.95 9.85 12.17
CA PRO B 62 -14.98 11.29 12.44
C PRO B 62 -16.02 11.71 13.45
N LYS B 63 -17.20 11.07 13.48
CA LYS B 63 -18.18 11.44 14.49
C LYS B 63 -17.64 11.15 15.89
N PHE B 64 -16.98 10.01 16.05
CA PHE B 64 -16.37 9.60 17.31
C PHE B 64 -14.93 10.05 17.45
N GLN B 65 -14.38 10.79 16.47
CA GLN B 65 -12.96 11.12 16.52
C GLN B 65 -12.61 11.85 17.81
N GLY B 66 -13.39 12.86 18.16
CA GLY B 66 -13.29 13.44 19.48
C GLY B 66 -13.93 12.55 20.53
N LYS B 67 -13.33 12.54 21.71
CA LYS B 67 -13.88 11.84 22.87
C LYS B 67 -13.88 10.31 22.65
N ALA B 68 -12.78 9.78 22.11
CA ALA B 68 -12.66 8.34 21.94
C ALA B 68 -11.20 7.95 21.93
N SER B 69 -10.90 6.77 22.47
CA SER B 69 -9.56 6.22 22.46
C SER B 69 -9.65 4.71 22.35
N LEU B 70 -8.70 4.12 21.64
CA LEU B 70 -8.66 2.68 21.43
C LEU B 70 -7.30 2.13 21.83
N ALA B 71 -7.30 0.98 22.49
CA ALA B 71 -6.09 0.34 22.96
C ALA B 71 -6.21 -1.17 22.77
N ALA B 72 -5.06 -1.82 22.63
CA ALA B 72 -5.03 -3.27 22.46
C ALA B 72 -3.72 -3.82 23.01
N ASP B 73 -3.80 -5.03 23.55
CA ASP B 73 -2.63 -5.76 24.01
C ASP B 73 -2.80 -7.22 23.61
N THR B 74 -1.80 -7.77 22.92
CA THR B 74 -1.89 -9.14 22.44
C THR B 74 -1.73 -10.17 23.56
N SER B 75 -1.15 -9.78 24.69
CA SER B 75 -0.95 -10.72 25.79
C SER B 75 -2.24 -11.42 26.17
N SER B 76 -3.33 -10.67 26.27
CA SER B 76 -4.67 -11.23 26.37
C SER B 76 -5.40 -11.06 25.04
N ASN B 77 -6.35 -11.96 24.79
CA ASN B 77 -7.17 -11.87 23.57
C ASN B 77 -8.31 -10.88 23.78
N THR B 78 -7.94 -9.64 24.06
CA THR B 78 -8.90 -8.63 24.49
C THR B 78 -8.54 -7.28 23.89
N GLY B 79 -9.58 -6.55 23.45
CA GLY B 79 -9.41 -5.19 22.97
C GLY B 79 -10.30 -4.25 23.77
N TYR B 80 -9.87 -2.99 23.84
CA TYR B 80 -10.45 -2.04 24.79
C TYR B 80 -10.79 -0.73 24.09
N LEU B 81 -11.90 -0.12 24.55
CA LEU B 81 -12.35 1.18 24.08
C LEU B 81 -12.67 2.05 25.29
N GLN B 82 -12.29 3.33 25.23
CA GLN B 82 -12.56 4.25 26.31
C GLN B 82 -12.92 5.62 25.73
N LEU B 83 -13.71 6.37 26.50
CA LEU B 83 -14.20 7.67 26.08
C LEU B 83 -13.79 8.73 27.10
N SER B 84 -13.58 9.96 26.63
CA SER B 84 -12.97 10.99 27.47
C SER B 84 -13.87 11.34 28.65
N SER B 85 -15.17 11.50 28.41
CA SER B 85 -16.11 11.82 29.48
C SER B 85 -17.52 11.52 28.98
N LEU B 86 -18.37 11.04 29.89
CA LEU B 86 -19.66 10.49 29.52
C LEU B 86 -20.67 11.60 29.25
N THR B 87 -21.15 11.67 28.01
CA THR B 87 -22.26 12.54 27.62
C THR B 87 -23.51 11.71 27.37
N SER B 88 -24.62 12.42 27.10
CA SER B 88 -25.87 11.73 26.80
C SER B 88 -25.76 10.91 25.52
N GLU B 89 -24.97 11.38 24.56
CA GLU B 89 -24.77 10.64 23.31
C GLU B 89 -24.11 9.30 23.58
N ASP B 90 -23.19 9.24 24.54
CA ASP B 90 -22.49 8.01 24.89
C ASP B 90 -23.33 7.09 25.75
N THR B 91 -24.43 7.57 26.32
CA THR B 91 -25.33 6.70 27.07
C THR B 91 -26.12 5.82 26.11
N ALA B 92 -25.53 4.70 25.73
CA ALA B 92 -26.08 3.89 24.64
C ALA B 92 -25.62 2.46 24.80
N VAL B 93 -26.15 1.60 23.94
CA VAL B 93 -25.67 0.22 23.85
C VAL B 93 -24.38 0.23 23.05
N TYR B 94 -23.47 -0.69 23.38
CA TYR B 94 -22.17 -0.75 22.72
C TYR B 94 -21.89 -2.16 22.23
N TYR B 95 -21.14 -2.24 21.13
CA TYR B 95 -20.78 -3.50 20.51
C TYR B 95 -19.34 -3.42 20.03
N CYS B 96 -18.72 -4.59 19.88
CA CYS B 96 -17.39 -4.71 19.31
C CYS B 96 -17.46 -5.67 18.12
N ALA B 97 -16.61 -5.43 17.13
CA ALA B 97 -16.65 -6.22 15.91
C ALA B 97 -15.25 -6.50 15.41
N ARG B 98 -15.14 -7.55 14.59
CA ARG B 98 -13.88 -8.00 14.02
C ARG B 98 -13.97 -7.85 12.51
N TRP B 99 -12.97 -7.20 11.91
CA TRP B 99 -13.00 -6.86 10.50
C TRP B 99 -11.83 -7.54 9.79
N ASP B 100 -12.14 -8.43 8.86
CA ASP B 100 -11.10 -9.06 8.06
C ASP B 100 -10.56 -8.08 7.04
N GLY B 101 -9.25 -8.17 6.79
CA GLY B 101 -8.65 -7.34 5.76
C GLY B 101 -9.31 -7.59 4.42
N TYR B 102 -9.53 -6.50 3.67
CA TYR B 102 -10.16 -6.57 2.36
C TYR B 102 -11.52 -7.24 2.43
N GLU B 103 -12.29 -6.94 3.48
CA GLU B 103 -13.52 -7.69 3.72
C GLU B 103 -14.39 -6.92 4.71
N THR B 104 -15.47 -7.57 5.13
CA THR B 104 -16.48 -7.06 6.05
C THR B 104 -16.20 -7.42 7.52
N LEU B 105 -17.05 -6.89 8.39
CA LEU B 105 -17.07 -7.29 9.79
C LEU B 105 -17.65 -8.70 9.91
N ASP B 106 -17.00 -9.56 10.70
CA ASP B 106 -17.45 -10.94 10.77
C ASP B 106 -17.89 -11.45 12.13
N TYR B 107 -17.55 -10.77 13.23
CA TYR B 107 -17.93 -11.28 14.54
C TYR B 107 -18.42 -10.13 15.41
N TRP B 108 -19.51 -10.40 16.12
CA TRP B 108 -20.15 -9.41 16.97
C TRP B 108 -20.54 -10.07 18.28
N GLY B 109 -20.07 -9.50 19.40
CA GLY B 109 -20.30 -10.08 20.70
C GLY B 109 -21.75 -9.92 21.14
N GLN B 110 -22.01 -10.35 22.38
CA GLN B 110 -23.35 -10.21 22.93
C GLN B 110 -23.75 -8.75 23.08
N GLY B 111 -22.84 -7.92 23.56
CA GLY B 111 -23.06 -6.48 23.60
C GLY B 111 -22.87 -5.92 24.99
N THR B 112 -22.93 -4.59 25.04
CA THR B 112 -22.85 -3.83 26.28
C THR B 112 -23.79 -2.64 26.19
N SER B 113 -24.57 -2.42 27.24
CA SER B 113 -25.58 -1.38 27.27
C SER B 113 -25.29 -0.43 28.41
N VAL B 114 -25.26 0.87 28.11
CA VAL B 114 -24.91 1.90 29.07
C VAL B 114 -26.16 2.73 29.35
N THR B 115 -26.60 2.72 30.60
CA THR B 115 -27.70 3.54 31.07
C THR B 115 -27.20 4.44 32.19
N VAL B 116 -27.80 5.62 32.30
CA VAL B 116 -27.25 6.71 33.09
C VAL B 116 -28.34 7.31 33.96
N SER B 117 -27.99 7.63 35.21
CA SER B 117 -28.91 8.24 36.16
C SER B 117 -28.81 9.76 36.14
N ASP C 1 -20.06 11.76 3.22
CA ASP C 1 -20.28 10.39 3.68
C ASP C 1 -21.49 9.77 2.99
N ILE C 2 -21.50 8.45 2.91
CA ILE C 2 -22.56 7.71 2.24
C ILE C 2 -23.75 7.56 3.18
N VAL C 3 -24.95 7.76 2.62
CA VAL C 3 -26.21 7.69 3.34
C VAL C 3 -27.07 6.60 2.71
N MET C 4 -27.79 5.86 3.54
CA MET C 4 -28.55 4.68 3.11
C MET C 4 -30.02 4.86 3.47
N SER C 5 -30.89 4.35 2.59
CA SER C 5 -32.33 4.37 2.80
C SER C 5 -32.89 2.99 2.50
N GLN C 6 -33.91 2.57 3.23
CA GLN C 6 -34.44 1.22 3.12
C GLN C 6 -35.95 1.25 2.94
N SER C 7 -36.48 0.24 2.25
CA SER C 7 -37.90 0.13 1.99
C SER C 7 -38.24 -1.35 1.78
N PRO C 8 -39.41 -1.81 2.24
CA PRO C 8 -40.45 -1.08 2.98
C PRO C 8 -40.08 -0.86 4.45
N SER C 9 -40.78 0.03 5.14
CA SER C 9 -40.57 0.18 6.59
C SER C 9 -41.01 -1.08 7.33
N SER C 10 -42.23 -1.53 7.08
CA SER C 10 -42.71 -2.80 7.61
C SER C 10 -43.80 -3.33 6.69
N LEU C 11 -43.75 -4.64 6.44
CA LEU C 11 -44.73 -5.31 5.57
C LEU C 11 -45.13 -6.64 6.19
N ALA C 12 -46.40 -6.98 6.05
CA ALA C 12 -46.96 -8.21 6.62
C ALA C 12 -47.48 -9.08 5.50
N VAL C 13 -46.97 -10.31 5.41
CA VAL C 13 -47.35 -11.25 4.37
C VAL C 13 -47.45 -12.64 4.99
N SER C 14 -48.28 -13.49 4.39
CA SER C 14 -48.52 -14.83 4.89
C SER C 14 -47.33 -15.74 4.57
N VAL C 15 -47.25 -16.86 5.30
CA VAL C 15 -46.22 -17.86 5.04
C VAL C 15 -46.40 -18.43 3.65
N GLY C 16 -45.31 -18.50 2.89
CA GLY C 16 -45.34 -18.98 1.53
C GLY C 16 -45.43 -17.89 0.49
N GLU C 17 -45.79 -16.66 0.88
CA GLU C 17 -45.86 -15.55 -0.05
C GLU C 17 -44.47 -15.06 -0.43
N LYS C 18 -44.37 -14.51 -1.63
CA LYS C 18 -43.14 -13.87 -2.06
C LYS C 18 -43.08 -12.44 -1.54
N VAL C 19 -41.90 -12.04 -1.05
CA VAL C 19 -41.71 -10.70 -0.52
C VAL C 19 -40.35 -10.17 -0.98
N THR C 20 -40.31 -8.86 -1.22
CA THR C 20 -39.11 -8.20 -1.73
C THR C 20 -38.88 -6.92 -0.95
N MET C 21 -37.64 -6.69 -0.53
CA MET C 21 -37.24 -5.45 0.12
C MET C 21 -36.18 -4.79 -0.73
N SER C 22 -36.22 -3.46 -0.83
CA SER C 22 -35.28 -2.71 -1.65
C SER C 22 -34.72 -1.52 -0.89
N CYS C 23 -33.41 -1.31 -1.01
CA CYS C 23 -32.74 -0.18 -0.40
C CYS C 23 -31.92 0.54 -1.45
N GLN C 24 -31.92 1.88 -1.38
CA GLN C 24 -31.38 2.74 -2.42
C GLN C 24 -30.27 3.61 -1.86
N SER C 25 -29.26 3.89 -2.68
CA SER C 25 -28.10 4.68 -2.27
C SER C 25 -27.95 5.88 -3.20
N SER C 26 -27.40 6.97 -2.63
CA SER C 26 -27.20 8.20 -3.37
C SER C 26 -25.87 8.27 -4.09
N GLN C 27 -24.98 7.30 -3.88
CA GLN C 27 -23.70 7.22 -4.58
C GLN C 27 -23.52 5.82 -5.13
N SER C 28 -22.52 5.68 -6.00
CA SER C 28 -22.21 4.39 -6.61
C SER C 28 -21.43 3.51 -5.64
N LEU C 29 -21.69 2.21 -5.69
CA LEU C 29 -20.98 1.25 -4.86
C LEU C 29 -19.92 0.47 -5.62
N LEU C 30 -19.88 0.60 -6.95
CA LEU C 30 -18.94 -0.15 -7.76
C LEU C 30 -17.54 0.44 -7.65
N TYR C 31 -16.55 -0.43 -7.50
CA TYR C 31 -15.15 -0.05 -7.46
C TYR C 31 -14.48 -0.62 -8.71
N SER C 32 -13.93 0.27 -9.54
CA SER C 32 -13.46 -0.13 -10.86
C SER C 32 -12.32 -1.14 -10.81
N ASN C 33 -11.39 -0.97 -9.86
CA ASN C 33 -10.17 -1.76 -9.88
C ASN C 33 -10.44 -3.25 -9.67
N ASN C 34 -11.35 -3.58 -8.76
CA ASN C 34 -11.75 -4.96 -8.55
C ASN C 34 -13.08 -5.31 -9.21
N GLU C 35 -13.84 -4.32 -9.69
CA GLU C 35 -15.18 -4.52 -10.22
C GLU C 35 -16.07 -5.27 -9.22
N LYS C 36 -15.90 -4.92 -7.95
CA LYS C 36 -16.59 -5.59 -6.84
C LYS C 36 -17.43 -4.58 -6.08
N ASN C 37 -18.66 -4.97 -5.76
CA ASN C 37 -19.59 -4.12 -5.03
C ASN C 37 -19.42 -4.37 -3.53
N TYR C 38 -19.09 -3.31 -2.79
CA TYR C 38 -18.80 -3.44 -1.36
C TYR C 38 -20.07 -3.21 -0.54
N LEU C 39 -21.00 -4.16 -0.63
CA LEU C 39 -22.24 -4.06 0.12
C LEU C 39 -22.57 -5.41 0.77
N ALA C 40 -23.19 -5.34 1.94
CA ALA C 40 -23.64 -6.50 2.69
C ALA C 40 -25.09 -6.29 3.12
N TRP C 41 -25.67 -7.37 3.64
CA TRP C 41 -27.04 -7.41 4.12
C TRP C 41 -27.07 -8.10 5.47
N TYR C 42 -27.90 -7.59 6.38
CA TYR C 42 -27.97 -8.12 7.73
C TYR C 42 -29.41 -8.50 8.04
N GLN C 43 -29.57 -9.56 8.85
CA GLN C 43 -30.86 -9.92 9.43
C GLN C 43 -30.68 -10.04 10.93
N GLN C 44 -31.58 -9.43 11.69
CA GLN C 44 -31.49 -9.42 13.14
C GLN C 44 -32.87 -9.57 13.76
N LYS C 45 -32.92 -10.30 14.87
CA LYS C 45 -34.07 -10.47 15.73
C LYS C 45 -33.91 -9.62 16.99
N PRO C 46 -35.01 -9.23 17.64
CA PRO C 46 -34.89 -8.41 18.85
C PRO C 46 -34.03 -9.08 19.91
N GLY C 47 -33.07 -8.33 20.44
CA GLY C 47 -32.20 -8.76 21.51
C GLY C 47 -31.15 -9.76 21.11
N HIS C 48 -30.94 -9.94 19.80
CA HIS C 48 -29.91 -10.82 19.27
C HIS C 48 -28.89 -9.95 18.54
N SER C 49 -27.61 -10.17 18.81
CA SER C 49 -26.59 -9.30 18.24
C SER C 49 -26.60 -9.42 16.72
N PRO C 50 -26.42 -8.32 15.99
CA PRO C 50 -26.52 -8.38 14.53
C PRO C 50 -25.43 -9.29 13.97
N LYS C 51 -25.82 -10.15 13.02
CA LYS C 51 -24.88 -11.08 12.42
C LYS C 51 -24.87 -10.89 10.91
N LEU C 52 -23.65 -10.92 10.35
CA LEU C 52 -23.44 -10.63 8.94
C LEU C 52 -24.06 -11.69 8.03
N LEU C 53 -24.68 -11.23 6.95
CA LEU C 53 -25.12 -12.20 5.95
C LEU C 53 -24.07 -12.05 4.84
N LEU C 54 -23.95 -13.08 4.02
CA LEU C 54 -22.86 -13.07 3.04
C LEU C 54 -22.96 -11.93 2.04
N TYR C 55 -21.86 -11.18 1.96
CA TYR C 55 -21.69 -9.96 1.20
C TYR C 55 -21.42 -10.27 -0.28
N TRP C 56 -21.25 -9.23 -1.10
CA TRP C 56 -20.91 -9.36 -2.51
C TRP C 56 -22.03 -10.01 -3.32
N ALA C 57 -23.24 -10.01 -2.75
CA ALA C 57 -24.47 -10.54 -3.35
C ALA C 57 -24.49 -12.07 -3.34
N SER C 58 -23.35 -12.69 -3.03
CA SER C 58 -23.29 -14.14 -2.85
C SER C 58 -23.71 -14.46 -1.41
N THR C 59 -25.01 -14.25 -1.16
CA THR C 59 -25.61 -14.37 0.17
C THR C 59 -25.58 -15.79 0.73
N ARG C 60 -25.15 -16.78 -0.04
CA ARG C 60 -25.20 -18.17 0.39
C ARG C 60 -24.07 -18.48 1.38
N GLU C 61 -24.47 -18.95 2.56
CA GLU C 61 -23.56 -19.28 3.65
C GLU C 61 -24.20 -20.42 4.45
N SER C 62 -23.49 -20.91 5.46
CA SER C 62 -24.03 -21.99 6.28
C SER C 62 -25.32 -21.52 6.96
N GLY C 63 -26.27 -22.44 7.06
CA GLY C 63 -27.61 -22.14 7.54
C GLY C 63 -28.59 -22.96 6.74
N VAL C 64 -29.84 -22.54 6.76
CA VAL C 64 -30.81 -23.18 5.85
C VAL C 64 -30.49 -22.75 4.42
N PRO C 65 -30.46 -23.66 3.45
CA PRO C 65 -30.02 -23.30 2.10
C PRO C 65 -30.89 -22.22 1.47
N ASP C 66 -30.23 -21.23 0.87
CA ASP C 66 -30.88 -20.15 0.13
C ASP C 66 -31.98 -19.48 0.95
N ARG C 67 -31.64 -19.10 2.18
CA ARG C 67 -32.63 -18.50 3.07
C ARG C 67 -33.20 -17.22 2.46
N PHE C 68 -32.34 -16.29 2.07
CA PHE C 68 -32.75 -15.06 1.39
C PHE C 68 -31.89 -14.82 0.17
N THR C 69 -32.52 -14.35 -0.90
CA THR C 69 -31.86 -14.13 -2.17
C THR C 69 -31.80 -12.64 -2.45
N GLY C 70 -30.64 -12.15 -2.87
CA GLY C 70 -30.43 -10.72 -3.01
C GLY C 70 -29.92 -10.35 -4.39
N SER C 71 -30.26 -9.13 -4.79
CA SER C 71 -29.80 -8.54 -6.04
C SER C 71 -29.39 -7.09 -5.81
N GLY C 72 -28.31 -6.67 -6.44
CA GLY C 72 -27.82 -5.32 -6.24
C GLY C 72 -27.35 -4.70 -7.54
N SER C 73 -27.27 -3.37 -7.52
CA SER C 73 -26.77 -2.59 -8.63
C SER C 73 -25.66 -1.66 -8.15
N GLY C 74 -25.26 -0.72 -9.00
CA GLY C 74 -24.29 0.28 -8.55
C GLY C 74 -24.87 1.19 -7.49
N THR C 75 -26.13 1.60 -7.65
CA THR C 75 -26.78 2.50 -6.71
C THR C 75 -28.05 1.92 -6.07
N ALA C 76 -28.46 0.71 -6.45
CA ALA C 76 -29.69 0.12 -5.94
C ALA C 76 -29.41 -1.29 -5.45
N PHE C 77 -30.16 -1.71 -4.43
CA PHE C 77 -29.92 -3.00 -3.80
C PHE C 77 -31.22 -3.55 -3.24
N THR C 78 -31.56 -4.78 -3.62
CA THR C 78 -32.82 -5.41 -3.23
C THR C 78 -32.58 -6.83 -2.75
N LEU C 79 -33.41 -7.25 -1.79
CA LEU C 79 -33.37 -8.61 -1.27
C LEU C 79 -34.75 -9.23 -1.42
N THR C 80 -34.79 -10.52 -1.75
CA THR C 80 -36.01 -11.20 -2.13
C THR C 80 -36.11 -12.54 -1.40
N ILE C 81 -37.34 -12.94 -1.10
CA ILE C 81 -37.65 -14.26 -0.57
C ILE C 81 -38.72 -14.88 -1.46
N SER C 82 -38.44 -16.08 -1.98
CA SER C 82 -39.40 -16.71 -2.88
C SER C 82 -40.64 -17.20 -2.13
N SER C 83 -40.50 -17.52 -0.86
CA SER C 83 -41.64 -17.96 -0.05
C SER C 83 -41.35 -17.65 1.41
N VAL C 84 -42.17 -16.78 2.01
CA VAL C 84 -41.98 -16.44 3.41
C VAL C 84 -42.19 -17.67 4.28
N LYS C 85 -41.35 -17.80 5.31
CA LYS C 85 -41.37 -18.97 6.18
C LYS C 85 -41.67 -18.51 7.60
N ALA C 86 -42.47 -19.30 8.32
CA ALA C 86 -43.00 -18.85 9.61
C ALA C 86 -41.91 -18.61 10.63
N GLU C 87 -40.88 -19.47 10.66
CA GLU C 87 -39.83 -19.33 11.66
C GLU C 87 -39.02 -18.05 11.48
N ASP C 88 -38.86 -17.58 10.24
CA ASP C 88 -37.94 -16.48 9.94
C ASP C 88 -38.54 -15.10 10.18
N LEU C 89 -38.98 -14.82 11.41
CA LEU C 89 -39.37 -13.45 11.71
C LEU C 89 -38.08 -12.63 11.64
N ALA C 90 -38.04 -11.61 10.81
CA ALA C 90 -36.75 -10.95 10.57
C ALA C 90 -36.88 -9.44 10.43
N VAL C 91 -35.77 -8.77 10.77
CA VAL C 91 -35.56 -7.35 10.56
C VAL C 91 -34.28 -7.22 9.75
N TYR C 92 -34.27 -6.32 8.77
CA TYR C 92 -33.17 -6.27 7.81
C TYR C 92 -32.55 -4.88 7.78
N TYR C 93 -31.28 -4.84 7.40
CA TYR C 93 -30.54 -3.60 7.24
C TYR C 93 -29.63 -3.68 6.02
N CYS C 94 -29.31 -2.52 5.46
CA CYS C 94 -28.43 -2.39 4.31
C CYS C 94 -27.23 -1.55 4.72
N GLN C 95 -26.03 -2.07 4.47
CA GLN C 95 -24.80 -1.36 4.83
C GLN C 95 -23.89 -1.32 3.62
N GLN C 96 -23.04 -0.30 3.56
CA GLN C 96 -22.09 -0.14 2.48
C GLN C 96 -20.67 -0.17 3.01
N TYR C 97 -19.73 -0.59 2.16
CA TYR C 97 -18.33 -0.72 2.52
C TYR C 97 -17.42 0.08 1.60
N TYR C 98 -17.91 1.18 1.04
CA TYR C 98 -17.12 1.93 0.07
C TYR C 98 -16.26 3.01 0.71
N ASN C 99 -16.72 3.64 1.78
CA ASN C 99 -15.95 4.70 2.42
C ASN C 99 -16.45 4.84 3.84
N TYR C 100 -15.59 5.39 4.70
CA TYR C 100 -15.98 5.59 6.08
C TYR C 100 -16.97 6.75 6.17
N PRO C 101 -17.99 6.63 7.03
CA PRO C 101 -18.35 5.46 7.82
C PRO C 101 -19.10 4.41 7.00
N TYR C 102 -19.02 3.13 7.35
CA TYR C 102 -19.86 2.14 6.69
C TYR C 102 -21.31 2.43 7.06
N THR C 103 -22.10 2.89 6.08
CA THR C 103 -23.42 3.39 6.41
C THR C 103 -24.30 2.28 6.95
N PHE C 104 -25.24 2.66 7.81
CA PHE C 104 -26.31 1.78 8.26
C PHE C 104 -27.63 2.35 7.76
N GLY C 105 -28.43 1.50 7.11
CA GLY C 105 -29.68 1.94 6.56
C GLY C 105 -30.75 2.21 7.60
N GLY C 106 -31.93 2.56 7.11
CA GLY C 106 -33.06 2.86 7.97
C GLY C 106 -33.75 1.67 8.57
N GLY C 107 -33.38 0.47 8.14
CA GLY C 107 -33.98 -0.74 8.68
C GLY C 107 -35.24 -1.15 7.94
N THR C 108 -35.47 -2.46 7.90
CA THR C 108 -36.65 -3.02 7.27
C THR C 108 -37.16 -4.15 8.15
N LYS C 109 -38.48 -4.23 8.31
CA LYS C 109 -39.10 -5.22 9.18
C LYS C 109 -40.09 -6.07 8.38
N LEU C 110 -40.12 -7.36 8.68
CA LEU C 110 -41.02 -8.30 8.05
C LEU C 110 -41.85 -8.98 9.13
N GLU C 111 -43.16 -8.97 8.96
CA GLU C 111 -44.09 -9.49 9.97
C GLU C 111 -44.96 -10.59 9.36
N ILE C 112 -45.31 -11.55 10.20
CA ILE C 112 -46.13 -12.68 9.76
C ILE C 112 -47.36 -12.78 10.66
#